data_6ZN0
#
_entry.id   6ZN0
#
_cell.length_a   51.735
_cell.length_b   71.215
_cell.length_c   97.521
_cell.angle_alpha   90.000
_cell.angle_beta   90.000
_cell.angle_gamma   90.000
#
_symmetry.space_group_name_H-M   'P 21 21 21'
#
loop_
_entity.id
_entity.type
_entity.pdbx_description
1 polymer 'cAMP-dependent protein kinase catalytic subunit alpha'
2 non-polymer (4R)-2-METHYLPENTANE-2,4-DIOL
3 non-polymer 'DIMETHYL SULFOXIDE'
4 non-polymer ISONICOTINAMIDINE
5 water water
#
_entity_poly.entity_id   1
_entity_poly.type   'polypeptide(L)'
_entity_poly.pdbx_seq_one_letter_code
;GHMGNAAAAKKGSEQESVKEFLAKAKEEFLKKWESPSQNTAQLDHFDRIKTLGTGSFGRVMLVKHKETGNHYAMKILDKQ
KVVKLKQIEHTLNEKRILQAVNFPFLVKLEFSFKDNSNLYMVMEYVPGGEMFSHLRRIGRF(SEP)EPHARFYAAQIVLT
FEYLHSLDLIYRDLKPENLLIDQQGYIQVTDFGFAKRVKGRTW(TPO)LCGTPEYLAPEIILSKGYNKAVDWWALGVLIY
EMAAGYPPFFADQPIQIYEKIVSGKVRFPSHFSSDLKDLLRNLLQVDLTKRFGNLKNGVNDIKNHKWFATTDWIAIYQRK
VEAPFIPKFKGPGDTSNFDDYEEEEIRV(SEP)INEKCGKEFTEF
;
_entity_poly.pdbx_strand_id   A
#
loop_
_chem_comp.id
_chem_comp.type
_chem_comp.name
_chem_comp.formula
DMS non-polymer 'DIMETHYL SULFOXIDE' 'C2 H6 O S'
MRD non-polymer (4R)-2-METHYLPENTANE-2,4-DIOL 'C6 H14 O2'
NTN non-polymer ISONICOTINAMIDINE 'C6 H7 N3'
#
# COMPACT_ATOMS: atom_id res chain seq x y z
N GLU A 16 -11.84 23.56 -10.23
CA GLU A 16 -13.15 23.15 -9.76
C GLU A 16 -13.43 21.69 -10.11
N SER A 17 -12.91 21.24 -11.24
CA SER A 17 -13.10 19.85 -11.65
C SER A 17 -12.50 18.89 -10.63
N VAL A 18 -11.32 19.22 -10.11
CA VAL A 18 -10.69 18.39 -9.08
C VAL A 18 -11.45 18.52 -7.76
N LYS A 19 -11.86 19.74 -7.42
CA LYS A 19 -12.64 19.93 -6.20
C LYS A 19 -13.92 19.11 -6.22
N GLU A 20 -14.65 19.14 -7.33
CA GLU A 20 -15.91 18.40 -7.39
C GLU A 20 -15.67 16.90 -7.46
N PHE A 21 -14.60 16.46 -8.13
CA PHE A 21 -14.23 15.04 -8.10
C PHE A 21 -13.99 14.58 -6.67
N LEU A 22 -13.16 15.31 -5.93
CA LEU A 22 -12.83 14.88 -4.57
C LEU A 22 -14.02 15.00 -3.64
N ALA A 23 -14.92 15.96 -3.87
CA ALA A 23 -16.12 16.05 -3.04
C ALA A 23 -17.01 14.83 -3.22
N LYS A 24 -17.22 14.40 -4.48
CA LYS A 24 -17.98 13.16 -4.69
C LYS A 24 -17.24 11.96 -4.13
N ALA A 25 -15.92 11.92 -4.29
CA ALA A 25 -15.16 10.81 -3.73
C ALA A 25 -15.37 10.69 -2.23
N LYS A 26 -15.41 11.83 -1.53
CA LYS A 26 -15.58 11.79 -0.08
C LYS A 26 -16.99 11.41 0.31
N GLU A 27 -18.00 11.93 -0.40
CA GLU A 27 -19.38 11.52 -0.19
C GLU A 27 -19.54 10.02 -0.28
N GLU A 28 -18.98 9.41 -1.33
CA GLU A 28 -19.15 7.98 -1.54
C GLU A 28 -18.39 7.18 -0.50
N PHE A 29 -17.18 7.64 -0.14
CA PHE A 29 -16.42 7.00 0.92
C PHE A 29 -17.19 7.04 2.25
N LEU A 30 -17.71 8.22 2.60
CA LEU A 30 -18.35 8.36 3.90
C LEU A 30 -19.60 7.50 4.04
N LYS A 31 -20.35 7.32 2.95
CA LYS A 31 -21.55 6.49 3.04
C LYS A 31 -21.18 5.05 3.39
N LYS A 32 -20.14 4.51 2.74
CA LYS A 32 -19.69 3.16 3.06
C LYS A 32 -18.99 3.10 4.41
N TRP A 33 -18.26 4.17 4.77
CA TRP A 33 -17.56 4.23 6.04
C TRP A 33 -18.54 4.14 7.20
N GLU A 34 -19.67 4.82 7.08
CA GLU A 34 -20.62 4.87 8.19
C GLU A 34 -21.50 3.62 8.25
N SER A 35 -21.59 2.85 7.18
CA SER A 35 -22.39 1.62 7.14
C SER A 35 -21.59 0.53 6.44
N PRO A 36 -20.58 -0.02 7.11
CA PRO A 36 -19.68 -0.97 6.44
C PRO A 36 -20.37 -2.28 6.10
N SER A 37 -19.96 -2.86 4.98
CA SER A 37 -20.41 -4.21 4.63
C SER A 37 -19.79 -5.22 5.58
N GLN A 38 -20.52 -6.29 5.84
CA GLN A 38 -20.07 -7.36 6.73
C GLN A 38 -20.53 -8.70 6.19
N ASN A 39 -19.69 -9.72 6.37
CA ASN A 39 -20.13 -11.11 6.26
C ASN A 39 -20.73 -11.42 4.90
N THR A 40 -19.96 -11.12 3.84
CA THR A 40 -20.47 -11.21 2.49
C THR A 40 -20.01 -12.46 1.74
N ALA A 41 -19.29 -13.38 2.38
CA ALA A 41 -19.01 -14.70 1.85
C ALA A 41 -18.68 -15.62 3.01
N GLN A 42 -18.28 -16.85 2.70
CA GLN A 42 -17.79 -17.76 3.73
C GLN A 42 -16.68 -18.62 3.14
N LEU A 43 -15.90 -19.25 4.03
CA LEU A 43 -14.67 -19.89 3.61
C LEU A 43 -14.91 -21.04 2.63
N ASP A 44 -15.97 -21.82 2.85
CA ASP A 44 -16.16 -22.98 1.98
C ASP A 44 -16.79 -22.62 0.64
N HIS A 45 -16.92 -21.31 0.33
CA HIS A 45 -17.19 -20.87 -1.03
C HIS A 45 -15.96 -20.90 -1.91
N PHE A 46 -14.78 -21.16 -1.34
CA PHE A 46 -13.51 -21.04 -2.07
C PHE A 46 -12.70 -22.32 -2.00
N ASP A 47 -11.88 -22.54 -3.03
CA ASP A 47 -10.80 -23.51 -3.04
C ASP A 47 -9.49 -22.76 -2.78
N ARG A 48 -8.61 -23.33 -1.96
CA ARG A 48 -7.29 -22.74 -1.80
C ARG A 48 -6.33 -23.27 -2.88
N ILE A 49 -5.52 -22.38 -3.43
CA ILE A 49 -4.58 -22.72 -4.49
C ILE A 49 -3.13 -22.66 -4.00
N LYS A 50 -2.72 -21.54 -3.42
N LYS A 50 -2.73 -21.55 -3.41
CA LYS A 50 -1.31 -21.34 -3.11
CA LYS A 50 -1.31 -21.36 -3.10
C LYS A 50 -1.16 -20.21 -2.10
C LYS A 50 -1.15 -20.21 -2.12
N THR A 51 -0.19 -20.34 -1.21
CA THR A 51 0.15 -19.25 -0.30
C THR A 51 1.06 -18.27 -1.03
N LEU A 52 0.66 -17.00 -1.07
CA LEU A 52 1.41 -15.96 -1.77
C LEU A 52 2.29 -15.10 -0.85
N GLY A 53 2.06 -15.16 0.46
CA GLY A 53 2.86 -14.39 1.40
C GLY A 53 2.42 -14.74 2.80
N THR A 54 3.32 -14.50 3.76
N THR A 54 3.33 -14.53 3.76
CA THR A 54 3.06 -14.87 5.15
CA THR A 54 3.06 -14.87 5.16
C THR A 54 3.67 -13.84 6.09
C THR A 54 3.65 -13.80 6.06
N GLY A 55 3.01 -13.63 7.22
CA GLY A 55 3.48 -12.68 8.23
C GLY A 55 3.35 -13.22 9.65
N SER A 56 3.56 -12.35 10.64
N SER A 56 3.55 -12.36 10.64
CA SER A 56 3.51 -12.80 12.03
CA SER A 56 3.53 -12.81 12.03
C SER A 56 2.12 -13.18 12.47
C SER A 56 2.12 -13.11 12.52
N PHE A 57 1.09 -12.53 11.92
CA PHE A 57 -0.29 -12.81 12.33
C PHE A 57 -1.22 -13.12 11.16
N GLY A 58 -0.71 -13.22 9.94
CA GLY A 58 -1.59 -13.48 8.83
C GLY A 58 -0.86 -14.01 7.60
N ARG A 59 -1.66 -14.31 6.58
CA ARG A 59 -1.20 -14.86 5.32
C ARG A 59 -2.04 -14.28 4.19
N VAL A 60 -1.53 -14.37 2.97
CA VAL A 60 -2.32 -14.10 1.78
C VAL A 60 -2.28 -15.34 0.89
N MET A 61 -3.47 -15.80 0.46
N MET A 61 -3.46 -15.78 0.47
CA MET A 61 -3.59 -17.01 -0.33
CA MET A 61 -3.64 -16.97 -0.34
C MET A 61 -4.33 -16.74 -1.62
C MET A 61 -4.25 -16.59 -1.69
N LEU A 62 -3.84 -17.33 -2.72
CA LEU A 62 -4.63 -17.38 -3.95
C LEU A 62 -5.75 -18.40 -3.75
N VAL A 63 -6.99 -17.97 -3.99
CA VAL A 63 -8.15 -18.85 -3.86
C VAL A 63 -8.96 -18.73 -5.13
N LYS A 64 -9.86 -19.70 -5.34
CA LYS A 64 -10.77 -19.69 -6.47
C LYS A 64 -12.19 -19.87 -5.97
N HIS A 65 -13.08 -18.97 -6.37
CA HIS A 65 -14.48 -19.10 -6.00
C HIS A 65 -15.10 -20.29 -6.73
N LYS A 66 -15.73 -21.18 -5.97
CA LYS A 66 -16.13 -22.47 -6.53
C LYS A 66 -17.30 -22.36 -7.50
N GLU A 67 -18.16 -21.36 -7.33
CA GLU A 67 -19.30 -21.19 -8.22
C GLU A 67 -18.98 -20.33 -9.45
N THR A 68 -18.22 -19.26 -9.29
CA THR A 68 -17.94 -18.37 -10.42
C THR A 68 -16.65 -18.70 -11.15
N GLY A 69 -15.72 -19.38 -10.48
CA GLY A 69 -14.42 -19.65 -11.05
C GLY A 69 -13.46 -18.49 -10.97
N ASN A 70 -13.85 -17.38 -10.35
CA ASN A 70 -12.98 -16.21 -10.25
C ASN A 70 -11.86 -16.45 -9.24
N HIS A 71 -10.68 -15.90 -9.55
CA HIS A 71 -9.57 -15.96 -8.61
C HIS A 71 -9.55 -14.71 -7.74
N TYR A 72 -9.11 -14.90 -6.50
CA TYR A 72 -8.99 -13.80 -5.55
C TYR A 72 -7.76 -14.02 -4.70
N ALA A 73 -7.25 -12.92 -4.14
CA ALA A 73 -6.24 -12.97 -3.08
C ALA A 73 -6.97 -12.86 -1.74
N MET A 74 -6.85 -13.89 -0.92
CA MET A 74 -7.54 -13.93 0.37
C MET A 74 -6.54 -13.68 1.49
N LYS A 75 -6.72 -12.57 2.20
CA LYS A 75 -5.89 -12.27 3.36
C LYS A 75 -6.54 -12.90 4.60
N ILE A 76 -5.78 -13.72 5.31
CA ILE A 76 -6.28 -14.47 6.47
C ILE A 76 -5.52 -14.00 7.69
N LEU A 77 -6.25 -13.46 8.68
CA LEU A 77 -5.63 -12.99 9.91
C LEU A 77 -6.09 -13.85 11.08
N ASP A 78 -5.14 -14.34 11.86
CA ASP A 78 -5.42 -15.14 13.05
C ASP A 78 -5.82 -14.21 14.20
N LYS A 79 -7.08 -14.32 14.64
CA LYS A 79 -7.59 -13.38 15.65
C LYS A 79 -6.74 -13.40 16.92
N GLN A 80 -6.38 -14.59 17.40
CA GLN A 80 -5.59 -14.67 18.63
C GLN A 80 -4.23 -14.00 18.46
N LYS A 81 -3.62 -14.13 17.28
CA LYS A 81 -2.32 -13.49 17.05
C LYS A 81 -2.46 -11.99 16.88
N VAL A 82 -3.56 -11.53 16.27
CA VAL A 82 -3.80 -10.09 16.13
C VAL A 82 -3.89 -9.45 17.51
N VAL A 83 -4.64 -10.08 18.41
CA VAL A 83 -4.77 -9.57 19.78
C VAL A 83 -3.41 -9.52 20.46
N LYS A 84 -2.62 -10.60 20.33
CA LYS A 84 -1.34 -10.69 21.05
C LYS A 84 -0.34 -9.68 20.52
N LEU A 85 -0.30 -9.48 19.20
CA LEU A 85 0.58 -8.49 18.60
C LEU A 85 -0.01 -7.08 18.62
N LYS A 86 -1.10 -6.87 19.38
CA LYS A 86 -1.70 -5.56 19.59
C LYS A 86 -2.07 -4.88 18.28
N GLN A 87 -2.66 -5.64 17.35
CA GLN A 87 -3.07 -5.12 16.05
C GLN A 87 -4.58 -5.06 15.89
N ILE A 88 -5.36 -5.06 16.98
CA ILE A 88 -6.81 -5.12 16.85
C ILE A 88 -7.33 -3.91 16.09
N GLU A 89 -7.02 -2.71 16.59
CA GLU A 89 -7.50 -1.48 15.94
C GLU A 89 -7.03 -1.40 14.49
N HIS A 90 -5.77 -1.78 14.24
CA HIS A 90 -5.24 -1.71 12.89
C HIS A 90 -5.98 -2.63 11.94
N THR A 91 -6.31 -3.84 12.41
N THR A 91 -6.34 -3.84 12.40
CA THR A 91 -7.06 -4.78 11.58
CA THR A 91 -7.05 -4.76 11.50
C THR A 91 -8.44 -4.25 11.27
C THR A 91 -8.49 -4.30 11.27
N LEU A 92 -9.12 -3.67 12.28
CA LEU A 92 -10.43 -3.08 12.04
C LEU A 92 -10.32 -1.89 11.09
N ASN A 93 -9.27 -1.07 11.26
CA ASN A 93 -9.00 0.01 10.30
C ASN A 93 -8.93 -0.53 8.89
N GLU A 94 -8.09 -1.54 8.68
CA GLU A 94 -7.82 -2.04 7.33
C GLU A 94 -9.11 -2.46 6.63
N LYS A 95 -9.95 -3.23 7.32
CA LYS A 95 -11.16 -3.72 6.66
C LYS A 95 -12.17 -2.60 6.44
N ARG A 96 -12.37 -1.74 7.45
CA ARG A 96 -13.34 -0.67 7.29
C ARG A 96 -12.94 0.29 6.18
N ILE A 97 -11.64 0.59 6.06
CA ILE A 97 -11.17 1.46 4.99
C ILE A 97 -11.31 0.78 3.64
N LEU A 98 -10.86 -0.48 3.52
CA LEU A 98 -10.84 -1.14 2.22
C LEU A 98 -12.26 -1.29 1.66
N GLN A 99 -13.23 -1.59 2.51
CA GLN A 99 -14.59 -1.74 1.99
C GLN A 99 -15.21 -0.41 1.61
N ALA A 100 -14.59 0.71 1.95
CA ALA A 100 -15.17 2.02 1.67
C ALA A 100 -14.50 2.80 0.55
N VAL A 101 -13.29 2.43 0.13
CA VAL A 101 -12.56 3.25 -0.85
C VAL A 101 -12.81 2.74 -2.26
N ASN A 102 -12.45 3.56 -3.23
CA ASN A 102 -12.68 3.26 -4.65
C ASN A 102 -11.77 4.18 -5.44
N PHE A 103 -10.72 3.64 -6.04
CA PHE A 103 -9.79 4.45 -6.82
C PHE A 103 -9.05 3.52 -7.77
N PRO A 104 -8.65 4.00 -8.96
CA PRO A 104 -8.10 3.08 -9.98
C PRO A 104 -6.85 2.35 -9.56
N PHE A 105 -6.12 2.85 -8.56
CA PHE A 105 -4.83 2.27 -8.20
C PHE A 105 -4.85 1.64 -6.80
N LEU A 106 -6.04 1.32 -6.30
CA LEU A 106 -6.22 0.62 -5.03
C LEU A 106 -6.83 -0.75 -5.31
N VAL A 107 -6.25 -1.79 -4.71
N VAL A 107 -6.26 -1.79 -4.70
CA VAL A 107 -6.83 -3.12 -4.84
CA VAL A 107 -6.81 -3.14 -4.86
C VAL A 107 -8.26 -3.08 -4.33
C VAL A 107 -8.23 -3.17 -4.28
N LYS A 108 -9.15 -3.80 -5.01
CA LYS A 108 -10.55 -3.83 -4.65
C LYS A 108 -10.83 -4.98 -3.68
N LEU A 109 -11.48 -4.66 -2.57
CA LEU A 109 -12.01 -5.68 -1.68
C LEU A 109 -13.33 -6.20 -2.25
N GLU A 110 -13.46 -7.51 -2.37
CA GLU A 110 -14.69 -8.10 -2.91
C GLU A 110 -15.58 -8.74 -1.85
N PHE A 111 -14.98 -9.40 -0.86
CA PHE A 111 -15.76 -10.01 0.22
C PHE A 111 -14.99 -9.86 1.53
N SER A 112 -15.71 -9.93 2.64
CA SER A 112 -15.06 -10.10 3.93
C SER A 112 -15.97 -10.92 4.83
N PHE A 113 -15.36 -11.62 5.78
CA PHE A 113 -16.09 -12.43 6.74
C PHE A 113 -15.12 -12.87 7.82
N LYS A 114 -15.66 -13.50 8.86
CA LYS A 114 -14.87 -14.03 9.95
C LYS A 114 -15.46 -15.36 10.37
N ASP A 115 -14.67 -16.14 11.11
CA ASP A 115 -15.19 -17.38 11.69
C ASP A 115 -14.62 -17.48 13.10
N ASN A 116 -14.64 -18.69 13.68
CA ASN A 116 -14.24 -18.82 15.07
C ASN A 116 -12.80 -18.38 15.29
N SER A 117 -11.93 -18.55 14.29
CA SER A 117 -10.50 -18.34 14.47
C SER A 117 -9.93 -17.16 13.68
N ASN A 118 -10.46 -16.86 12.49
CA ASN A 118 -9.77 -15.95 11.59
C ASN A 118 -10.67 -14.83 11.10
N LEU A 119 -10.02 -13.78 10.62
CA LEU A 119 -10.63 -12.73 9.82
C LEU A 119 -10.20 -12.92 8.37
N TYR A 120 -11.11 -12.66 7.43
CA TYR A 120 -10.84 -12.88 6.01
C TYR A 120 -11.17 -11.63 5.20
N MET A 121 -10.24 -11.22 4.36
CA MET A 121 -10.47 -10.14 3.39
C MET A 121 -10.14 -10.70 2.01
N VAL A 122 -11.15 -10.80 1.16
CA VAL A 122 -11.02 -11.41 -0.16
C VAL A 122 -10.96 -10.28 -1.17
N MET A 123 -9.82 -10.11 -1.83
CA MET A 123 -9.67 -9.00 -2.75
C MET A 123 -9.30 -9.51 -4.13
N GLU A 124 -9.37 -8.61 -5.11
N GLU A 124 -9.37 -8.61 -5.11
CA GLU A 124 -8.94 -8.95 -6.46
CA GLU A 124 -8.94 -8.94 -6.46
C GLU A 124 -7.51 -9.47 -6.43
C GLU A 124 -7.51 -9.47 -6.43
N TYR A 125 -7.24 -10.49 -7.26
CA TYR A 125 -5.90 -11.04 -7.37
C TYR A 125 -5.18 -10.33 -8.50
N VAL A 126 -3.99 -9.81 -8.20
CA VAL A 126 -3.17 -9.09 -9.16
C VAL A 126 -1.98 -9.98 -9.53
N PRO A 127 -2.01 -10.64 -10.71
CA PRO A 127 -1.03 -11.70 -10.97
C PRO A 127 0.36 -11.22 -11.31
N GLY A 128 0.56 -9.92 -11.57
CA GLY A 128 1.89 -9.47 -11.99
C GLY A 128 2.91 -9.41 -10.88
N GLY A 129 2.50 -9.50 -9.62
CA GLY A 129 3.47 -9.54 -8.54
C GLY A 129 3.82 -8.17 -8.02
N GLU A 130 4.69 -8.18 -7.01
CA GLU A 130 5.10 -6.95 -6.33
C GLU A 130 6.08 -6.17 -7.17
N MET A 131 5.94 -4.83 -7.14
N MET A 131 5.96 -4.84 -7.12
CA MET A 131 6.95 -3.97 -7.73
CA MET A 131 6.96 -4.00 -7.78
C MET A 131 8.34 -4.33 -7.23
C MET A 131 8.35 -4.26 -7.21
N PHE A 132 8.45 -4.70 -5.96
CA PHE A 132 9.74 -5.05 -5.37
C PHE A 132 10.46 -6.12 -6.18
N SER A 133 9.76 -7.18 -6.59
N SER A 133 9.76 -7.17 -6.61
CA SER A 133 10.39 -8.23 -7.38
CA SER A 133 10.42 -8.22 -7.37
C SER A 133 10.93 -7.69 -8.69
C SER A 133 10.91 -7.73 -8.72
N HIS A 134 10.11 -6.90 -9.40
CA HIS A 134 10.54 -6.39 -10.70
C HIS A 134 11.69 -5.41 -10.56
N LEU A 135 11.66 -4.57 -9.52
CA LEU A 135 12.76 -3.64 -9.30
C LEU A 135 14.06 -4.39 -9.03
N ARG A 136 14.00 -5.43 -8.20
CA ARG A 136 15.22 -6.18 -7.90
C ARG A 136 15.69 -6.98 -9.09
N ARG A 137 14.76 -7.44 -9.94
CA ARG A 137 15.14 -8.15 -11.16
C ARG A 137 15.91 -7.25 -12.11
N ILE A 138 15.40 -6.04 -12.36
CA ILE A 138 16.01 -5.17 -13.36
C ILE A 138 17.11 -4.29 -12.79
N GLY A 139 17.17 -4.11 -11.47
CA GLY A 139 18.19 -3.32 -10.84
C GLY A 139 17.66 -1.95 -10.44
N ARG A 140 17.34 -1.13 -11.42
CA ARG A 140 16.68 0.14 -11.15
C ARG A 140 15.80 0.49 -12.35
N PHE A 141 14.79 1.32 -12.08
CA PHE A 141 13.94 1.82 -13.15
C PHE A 141 14.52 3.11 -13.72
N SEP A 142 14.34 3.32 -15.03
CA SEP A 142 14.64 4.62 -15.64
CB SEP A 142 14.39 4.57 -17.14
OG SEP A 142 12.98 4.54 -17.38
C SEP A 142 13.77 5.70 -14.99
O SEP A 142 12.75 5.39 -14.38
P SEP A 142 12.63 4.15 -18.90
O1P SEP A 142 13.24 2.69 -19.19
O2P SEP A 142 11.02 4.08 -19.03
O3P SEP A 142 13.23 5.24 -19.90
N GLU A 143 14.15 6.97 -15.12
CA GLU A 143 13.32 8.00 -14.51
C GLU A 143 11.88 8.04 -15.11
N PRO A 144 11.71 7.89 -16.44
CA PRO A 144 10.32 7.83 -16.95
C PRO A 144 9.52 6.70 -16.32
N HIS A 145 10.17 5.56 -16.11
CA HIS A 145 9.51 4.39 -15.54
C HIS A 145 9.15 4.64 -14.08
N ALA A 146 10.11 5.12 -13.29
CA ALA A 146 9.83 5.49 -11.90
C ALA A 146 8.74 6.56 -11.83
N ARG A 147 8.76 7.52 -12.76
CA ARG A 147 7.82 8.62 -12.76
C ARG A 147 6.39 8.16 -13.04
N PHE A 148 6.24 7.19 -13.93
CA PHE A 148 4.93 6.60 -14.22
C PHE A 148 4.30 6.01 -12.94
N TYR A 149 5.08 5.24 -12.19
CA TYR A 149 4.59 4.69 -10.93
C TYR A 149 4.37 5.79 -9.89
N ALA A 150 5.32 6.71 -9.79
CA ALA A 150 5.22 7.80 -8.81
C ALA A 150 3.95 8.60 -9.02
N ALA A 151 3.61 8.89 -10.29
CA ALA A 151 2.41 9.67 -10.57
C ALA A 151 1.17 8.99 -10.02
N GLN A 152 1.11 7.67 -10.16
CA GLN A 152 -0.03 6.93 -9.62
C GLN A 152 -0.10 7.03 -8.10
N ILE A 153 1.05 6.98 -7.42
CA ILE A 153 1.04 7.13 -5.97
C ILE A 153 0.62 8.54 -5.58
N VAL A 154 1.08 9.56 -6.32
CA VAL A 154 0.68 10.93 -6.02
C VAL A 154 -0.83 11.07 -6.09
N LEU A 155 -1.44 10.58 -7.18
CA LEU A 155 -2.89 10.64 -7.32
C LEU A 155 -3.59 9.83 -6.22
N THR A 156 -3.06 8.65 -5.90
CA THR A 156 -3.67 7.83 -4.85
C THR A 156 -3.61 8.52 -3.50
N PHE A 157 -2.48 9.17 -3.18
CA PHE A 157 -2.39 9.88 -1.91
C PHE A 157 -3.26 11.12 -1.90
N GLU A 158 -3.37 11.81 -3.05
CA GLU A 158 -4.32 12.92 -3.13
C GLU A 158 -5.74 12.45 -2.77
N TYR A 159 -6.15 11.31 -3.34
CA TYR A 159 -7.43 10.71 -3.02
C TYR A 159 -7.52 10.33 -1.54
N LEU A 160 -6.58 9.53 -1.05
CA LEU A 160 -6.66 9.05 0.33
C LEU A 160 -6.63 10.20 1.33
N HIS A 161 -5.70 11.15 1.14
CA HIS A 161 -5.59 12.25 2.09
C HIS A 161 -6.84 13.12 2.09
N SER A 162 -7.50 13.28 0.94
CA SER A 162 -8.73 14.07 0.93
C SER A 162 -9.83 13.42 1.75
N LEU A 163 -9.78 12.10 1.93
CA LEU A 163 -10.70 11.35 2.77
C LEU A 163 -10.28 11.31 4.22
N ASP A 164 -9.22 12.06 4.58
CA ASP A 164 -8.60 12.05 5.91
C ASP A 164 -7.96 10.70 6.22
N LEU A 165 -7.49 9.98 5.22
CA LEU A 165 -6.84 8.69 5.40
C LEU A 165 -5.33 8.85 5.24
N ILE A 166 -4.56 8.27 6.16
CA ILE A 166 -3.11 8.17 6.02
C ILE A 166 -2.79 6.71 5.75
N TYR A 167 -1.87 6.47 4.80
CA TYR A 167 -1.63 5.10 4.35
C TYR A 167 -0.60 4.38 5.22
N ARG A 168 0.56 5.00 5.43
CA ARG A 168 1.56 4.62 6.43
C ARG A 168 2.31 3.32 6.14
N ASP A 169 2.26 2.78 4.92
CA ASP A 169 3.09 1.63 4.64
C ASP A 169 3.57 1.61 3.19
N LEU A 170 3.90 2.79 2.65
CA LEU A 170 4.37 2.82 1.27
C LEU A 170 5.74 2.15 1.19
N LYS A 171 5.88 1.18 0.31
CA LYS A 171 7.12 0.48 0.02
C LYS A 171 6.88 -0.40 -1.21
N PRO A 172 7.94 -0.82 -1.91
CA PRO A 172 7.75 -1.55 -3.17
C PRO A 172 6.99 -2.86 -3.01
N GLU A 173 7.08 -3.51 -1.86
CA GLU A 173 6.37 -4.77 -1.65
C GLU A 173 4.86 -4.61 -1.64
N ASN A 174 4.36 -3.41 -1.35
CA ASN A 174 2.92 -3.18 -1.25
C ASN A 174 2.31 -2.64 -2.54
N LEU A 175 3.09 -2.55 -3.61
CA LEU A 175 2.61 -2.03 -4.88
C LEU A 175 2.65 -3.19 -5.87
N LEU A 176 1.47 -3.68 -6.24
CA LEU A 176 1.40 -4.77 -7.21
C LEU A 176 1.25 -4.22 -8.62
N ILE A 177 1.77 -4.96 -9.59
CA ILE A 177 1.71 -4.56 -10.99
C ILE A 177 0.64 -5.37 -11.69
N ASP A 178 -0.34 -4.70 -12.30
CA ASP A 178 -1.49 -5.40 -12.82
C ASP A 178 -1.31 -5.73 -14.30
N GLN A 179 -2.37 -6.29 -14.90
CA GLN A 179 -2.28 -6.80 -16.26
C GLN A 179 -1.99 -5.73 -17.28
N GLN A 180 -2.22 -4.45 -16.94
CA GLN A 180 -1.94 -3.34 -17.85
C GLN A 180 -0.64 -2.64 -17.49
N GLY A 181 0.10 -3.15 -16.51
CA GLY A 181 1.33 -2.52 -16.08
C GLY A 181 1.15 -1.40 -15.08
N TYR A 182 -0.06 -1.19 -14.59
CA TYR A 182 -0.34 -0.14 -13.62
C TYR A 182 -0.23 -0.66 -12.19
N ILE A 183 -0.11 0.28 -11.24
CA ILE A 183 0.03 -0.06 -9.83
C ILE A 183 -1.33 -0.33 -9.20
N GLN A 184 -1.36 -1.34 -8.32
CA GLN A 184 -2.48 -1.57 -7.41
C GLN A 184 -1.90 -1.60 -6.00
N VAL A 185 -2.27 -0.63 -5.17
CA VAL A 185 -1.76 -0.57 -3.80
C VAL A 185 -2.52 -1.59 -2.96
N THR A 186 -1.77 -2.40 -2.23
CA THR A 186 -2.36 -3.38 -1.34
C THR A 186 -1.81 -3.19 0.07
N ASP A 187 -2.37 -3.96 0.99
CA ASP A 187 -2.00 -3.97 2.41
C ASP A 187 -2.29 -2.64 3.07
N PHE A 188 -3.53 -2.49 3.55
CA PHE A 188 -3.94 -1.32 4.31
C PHE A 188 -3.85 -1.56 5.82
N GLY A 189 -2.97 -2.49 6.24
CA GLY A 189 -2.88 -2.86 7.65
C GLY A 189 -2.52 -1.71 8.59
N PHE A 190 -1.83 -0.69 8.09
CA PHE A 190 -1.50 0.48 8.90
C PHE A 190 -2.29 1.72 8.51
N ALA A 191 -3.18 1.63 7.54
CA ALA A 191 -3.94 2.80 7.12
C ALA A 191 -4.94 3.22 8.21
N LYS A 192 -5.20 4.51 8.31
CA LYS A 192 -6.03 5.01 9.41
C LYS A 192 -6.72 6.30 9.00
N ARG A 193 -7.97 6.46 9.43
CA ARG A 193 -8.66 7.74 9.27
C ARG A 193 -8.26 8.65 10.42
N VAL A 194 -7.68 9.80 10.08
CA VAL A 194 -7.02 10.70 11.02
C VAL A 194 -7.41 12.11 10.65
N LYS A 195 -8.10 12.81 11.54
CA LYS A 195 -8.25 14.25 11.44
C LYS A 195 -7.25 14.86 12.43
N GLY A 196 -6.22 15.48 11.90
CA GLY A 196 -5.18 16.03 12.75
C GLY A 196 -3.98 15.12 12.85
N ARG A 197 -3.64 14.72 14.07
CA ARG A 197 -2.42 13.97 14.36
C ARG A 197 -2.76 12.54 14.77
N THR A 198 -1.77 11.67 14.63
CA THR A 198 -1.83 10.32 15.17
C THR A 198 -0.44 9.96 15.69
N TRP A 199 -0.35 8.90 16.48
CA TRP A 199 0.89 8.66 17.23
C TRP A 199 1.51 7.26 17.14
N TPO A 200 0.87 6.30 16.49
CA TPO A 200 1.36 4.91 16.54
CB TPO A 200 0.32 3.94 16.00
CG2 TPO A 200 0.75 2.51 16.32
OG1 TPO A 200 -0.89 4.17 16.69
P TPO A 200 -2.07 4.65 15.70
O1P TPO A 200 -3.34 4.99 16.62
O2P TPO A 200 -2.39 3.57 14.72
O3P TPO A 200 -1.59 5.98 14.93
C TPO A 200 2.67 4.73 15.79
O TPO A 200 2.82 5.18 14.66
N LEU A 201 3.62 4.05 16.44
CA LEU A 201 4.85 3.65 15.77
C LEU A 201 4.52 2.47 14.88
N CYS A 202 4.52 2.70 13.57
CA CYS A 202 4.30 1.63 12.61
C CYS A 202 4.86 2.04 11.27
N GLY A 203 5.02 1.05 10.41
CA GLY A 203 5.65 1.23 9.13
C GLY A 203 6.79 0.24 8.99
N THR A 204 7.67 0.52 8.03
CA THR A 204 8.86 -0.25 7.77
C THR A 204 10.07 0.66 7.95
N PRO A 205 11.13 0.21 8.64
CA PRO A 205 12.20 1.15 9.06
C PRO A 205 12.76 2.05 7.96
N GLU A 206 13.07 1.51 6.79
CA GLU A 206 13.69 2.30 5.73
C GLU A 206 12.78 3.44 5.25
N TYR A 207 11.48 3.35 5.49
N TYR A 207 11.48 3.35 5.52
CA TYR A 207 10.52 4.31 4.96
CA TYR A 207 10.50 4.27 4.96
C TYR A 207 9.95 5.26 6.00
C TYR A 207 9.91 5.22 6.01
N LEU A 208 10.34 5.12 7.26
CA LEU A 208 9.78 5.94 8.32
C LEU A 208 10.24 7.39 8.25
N ALA A 209 9.29 8.31 8.36
CA ALA A 209 9.61 9.73 8.47
C ALA A 209 10.28 10.02 9.81
N PRO A 210 11.09 11.08 9.87
CA PRO A 210 11.74 11.42 11.15
C PRO A 210 10.77 11.61 12.30
N GLU A 211 9.61 12.23 12.04
CA GLU A 211 8.68 12.48 13.15
C GLU A 211 8.06 11.20 13.69
N ILE A 212 8.03 10.11 12.92
CA ILE A 212 7.61 8.83 13.48
C ILE A 212 8.70 8.28 14.40
N ILE A 213 9.95 8.31 13.92
CA ILE A 213 11.08 7.82 14.70
C ILE A 213 11.20 8.57 16.02
N LEU A 214 10.91 9.88 16.01
CA LEU A 214 11.03 10.71 17.20
C LEU A 214 9.77 10.71 18.07
N SER A 215 8.78 9.86 17.75
CA SER A 215 7.61 9.64 18.61
C SER A 215 6.74 10.89 18.75
N LYS A 216 6.66 11.67 17.68
CA LYS A 216 5.83 12.86 17.65
C LYS A 216 4.42 12.52 17.19
N GLY A 217 3.49 13.44 17.43
CA GLY A 217 2.19 13.38 16.79
C GLY A 217 2.32 13.80 15.34
N TYR A 218 2.09 12.88 14.41
CA TYR A 218 2.38 13.13 13.00
C TYR A 218 1.11 13.08 12.17
N ASN A 219 1.24 13.44 10.90
CA ASN A 219 0.07 13.58 10.03
C ASN A 219 0.41 13.04 8.65
N LYS A 220 -0.38 13.42 7.65
CA LYS A 220 -0.25 12.85 6.31
C LYS A 220 1.10 13.15 5.69
N ALA A 221 1.87 14.10 6.24
CA ALA A 221 3.19 14.38 5.71
C ALA A 221 4.09 13.16 5.72
N VAL A 222 3.82 12.17 6.59
CA VAL A 222 4.67 10.98 6.59
C VAL A 222 4.51 10.18 5.29
N ASP A 223 3.34 10.25 4.65
CA ASP A 223 3.17 9.57 3.37
C ASP A 223 4.02 10.22 2.28
N TRP A 224 4.13 11.54 2.29
CA TRP A 224 4.92 12.23 1.28
C TRP A 224 6.41 11.99 1.48
N TRP A 225 6.86 11.91 2.74
CA TRP A 225 8.23 11.47 3.00
C TRP A 225 8.47 10.09 2.41
N ALA A 226 7.55 9.15 2.67
CA ALA A 226 7.71 7.80 2.15
C ALA A 226 7.73 7.78 0.62
N LEU A 227 6.98 8.68 -0.02
CA LEU A 227 7.03 8.77 -1.47
C LEU A 227 8.43 9.17 -1.94
N GLY A 228 9.07 10.11 -1.23
CA GLY A 228 10.46 10.43 -1.52
C GLY A 228 11.36 9.21 -1.42
N VAL A 229 11.17 8.40 -0.38
CA VAL A 229 11.99 7.19 -0.24
C VAL A 229 11.73 6.25 -1.41
N LEU A 230 10.45 6.07 -1.75
CA LEU A 230 10.09 5.15 -2.84
C LEU A 230 10.66 5.61 -4.18
N ILE A 231 10.54 6.89 -4.49
CA ILE A 231 11.05 7.38 -5.77
C ILE A 231 12.56 7.21 -5.81
N TYR A 232 13.25 7.55 -4.73
CA TYR A 232 14.69 7.33 -4.67
C TYR A 232 15.03 5.86 -4.92
N GLU A 233 14.32 4.96 -4.24
CA GLU A 233 14.61 3.53 -4.38
C GLU A 233 14.31 3.04 -5.79
N MET A 234 13.21 3.50 -6.39
CA MET A 234 12.91 3.07 -7.76
C MET A 234 13.99 3.53 -8.73
N ALA A 235 14.52 4.75 -8.55
CA ALA A 235 15.46 5.33 -9.50
C ALA A 235 16.90 4.89 -9.25
N ALA A 236 17.23 4.54 -8.00
CA ALA A 236 18.59 4.13 -7.64
C ALA A 236 18.75 2.62 -7.57
N GLY A 237 17.69 1.92 -7.19
CA GLY A 237 17.76 0.48 -6.94
C GLY A 237 17.90 0.12 -5.48
N TYR A 238 18.07 1.11 -4.62
CA TYR A 238 18.23 0.93 -3.19
C TYR A 238 17.68 2.18 -2.49
N PRO A 239 17.23 2.07 -1.25
CA PRO A 239 16.64 3.22 -0.57
C PRO A 239 17.72 4.15 -0.06
N PRO A 240 17.37 5.41 0.23
CA PRO A 240 18.41 6.40 0.58
C PRO A 240 19.02 6.18 1.94
N PHE A 241 18.30 5.58 2.88
CA PHE A 241 18.77 5.35 4.24
C PHE A 241 18.81 3.83 4.46
N PHE A 242 20.01 3.27 4.41
CA PHE A 242 20.24 1.84 4.50
C PHE A 242 21.28 1.56 5.57
N ALA A 243 21.06 0.51 6.35
CA ALA A 243 22.02 0.09 7.37
C ALA A 243 21.64 -1.30 7.83
N ASP A 244 22.57 -1.92 8.57
N ASP A 244 22.55 -1.93 8.58
CA ASP A 244 22.38 -3.31 8.99
CA ASP A 244 22.32 -3.32 8.96
C ASP A 244 21.37 -3.41 10.12
C ASP A 244 21.40 -3.45 10.16
N GLN A 245 21.36 -2.44 11.04
CA GLN A 245 20.44 -2.44 12.16
C GLN A 245 19.48 -1.26 12.06
N PRO A 246 18.23 -1.42 12.50
CA PRO A 246 17.27 -0.30 12.42
C PRO A 246 17.76 0.98 13.08
N ILE A 247 18.48 0.88 14.21
CA ILE A 247 18.92 2.07 14.93
C ILE A 247 19.82 2.91 14.04
N GLN A 248 20.68 2.26 13.25
CA GLN A 248 21.56 2.99 12.34
C GLN A 248 20.79 3.61 11.18
N ILE A 249 19.74 2.92 10.70
CA ILE A 249 18.87 3.52 9.70
C ILE A 249 18.23 4.78 10.25
N TYR A 250 17.74 4.71 11.50
CA TYR A 250 17.03 5.85 12.08
C TYR A 250 17.95 7.03 12.26
N GLU A 251 19.21 6.79 12.65
CA GLU A 251 20.17 7.89 12.77
C GLU A 251 20.36 8.61 11.43
N LYS A 252 20.41 7.85 10.33
CA LYS A 252 20.56 8.48 9.03
C LYS A 252 19.31 9.27 8.64
N ILE A 253 18.12 8.72 8.94
CA ILE A 253 16.88 9.39 8.56
C ILE A 253 16.77 10.75 9.24
N VAL A 254 17.06 10.82 10.54
CA VAL A 254 16.90 12.08 11.24
C VAL A 254 18.02 13.08 10.97
N SER A 255 19.11 12.66 10.31
CA SER A 255 20.29 13.50 10.19
C SER A 255 20.08 14.71 9.28
N GLY A 256 19.15 14.62 8.34
CA GLY A 256 19.00 15.68 7.37
C GLY A 256 19.96 15.60 6.22
N LYS A 257 20.59 14.44 6.00
CA LYS A 257 21.61 14.25 4.98
C LYS A 257 21.24 13.07 4.09
N VAL A 258 21.28 13.29 2.78
CA VAL A 258 21.06 12.23 1.80
C VAL A 258 22.04 12.45 0.66
N ARG A 259 22.55 11.35 0.09
CA ARG A 259 23.43 11.39 -1.06
C ARG A 259 22.70 10.86 -2.27
N PHE A 260 22.91 11.49 -3.43
CA PHE A 260 22.23 11.08 -4.64
C PHE A 260 23.21 10.50 -5.64
N PRO A 261 22.84 9.43 -6.34
CA PRO A 261 23.67 8.94 -7.44
C PRO A 261 23.85 10.01 -8.50
N SER A 262 25.03 10.03 -9.11
CA SER A 262 25.31 11.04 -10.13
C SER A 262 24.37 10.91 -11.33
N HIS A 263 23.82 9.72 -11.57
CA HIS A 263 22.96 9.57 -12.74
C HIS A 263 21.58 10.18 -12.52
N PHE A 264 21.22 10.55 -11.30
CA PHE A 264 19.96 11.25 -11.05
C PHE A 264 19.96 12.59 -11.79
N SER A 265 18.82 12.91 -12.41
CA SER A 265 18.65 14.23 -12.99
C SER A 265 18.60 15.29 -11.90
N SER A 266 18.92 16.54 -12.29
CA SER A 266 18.82 17.65 -11.35
C SER A 266 17.40 17.82 -10.85
N ASP A 267 16.41 17.66 -11.75
CA ASP A 267 15.02 17.76 -11.33
C ASP A 267 14.65 16.69 -10.31
N LEU A 268 15.15 15.46 -10.51
CA LEU A 268 14.85 14.39 -9.57
C LEU A 268 15.45 14.70 -8.20
N LYS A 269 16.71 15.14 -8.18
CA LYS A 269 17.34 15.50 -6.90
C LYS A 269 16.57 16.61 -6.20
N ASP A 270 16.12 17.62 -6.95
CA ASP A 270 15.40 18.73 -6.32
C ASP A 270 14.08 18.26 -5.72
N LEU A 271 13.31 17.46 -6.47
CA LEU A 271 12.08 16.92 -5.92
C LEU A 271 12.34 16.10 -4.67
N LEU A 272 13.38 15.26 -4.69
CA LEU A 272 13.62 14.39 -3.55
C LEU A 272 14.07 15.18 -2.32
N ARG A 273 14.84 16.27 -2.52
CA ARG A 273 15.22 17.09 -1.37
C ARG A 273 14.01 17.69 -0.69
N ASN A 274 12.95 17.98 -1.46
CA ASN A 274 11.75 18.58 -0.91
C ASN A 274 10.78 17.55 -0.35
N LEU A 275 10.82 16.30 -0.82
CA LEU A 275 10.04 15.25 -0.20
C LEU A 275 10.74 14.69 1.03
N LEU A 276 12.06 14.51 0.95
CA LEU A 276 12.88 14.03 2.07
C LEU A 276 13.34 15.18 2.94
N GLN A 277 12.42 16.10 3.20
CA GLN A 277 12.66 17.25 4.06
C GLN A 277 12.39 16.84 5.50
N VAL A 278 13.42 16.89 6.36
CA VAL A 278 13.25 16.40 7.73
C VAL A 278 12.29 17.28 8.52
N ASP A 279 12.25 18.58 8.21
CA ASP A 279 11.30 19.50 8.84
C ASP A 279 9.95 19.31 8.15
N LEU A 280 8.99 18.70 8.85
CA LEU A 280 7.72 18.37 8.22
C LEU A 280 6.95 19.61 7.80
N THR A 281 7.22 20.76 8.43
CA THR A 281 6.51 21.97 8.05
C THR A 281 7.04 22.57 6.75
N LYS A 282 8.15 22.04 6.21
CA LYS A 282 8.71 22.49 4.93
C LYS A 282 8.63 21.41 3.86
N ARG A 283 7.96 20.31 4.14
CA ARG A 283 8.00 19.15 3.25
C ARG A 283 6.94 19.27 2.16
N PHE A 284 7.34 18.98 0.92
CA PHE A 284 6.38 19.00 -0.19
C PHE A 284 5.23 18.04 0.09
N GLY A 285 4.03 18.45 -0.28
CA GLY A 285 2.81 17.77 0.07
C GLY A 285 2.19 18.28 1.35
N ASN A 286 2.94 19.01 2.18
CA ASN A 286 2.44 19.51 3.45
C ASN A 286 2.48 21.03 3.51
N LEU A 287 2.64 21.71 2.38
CA LEU A 287 2.64 23.16 2.33
C LEU A 287 1.26 23.67 1.95
N LYS A 288 1.12 24.99 1.86
CA LYS A 288 -0.20 25.58 1.60
C LYS A 288 -0.79 25.09 0.28
N ASN A 289 0.04 24.81 -0.71
CA ASN A 289 -0.46 24.30 -1.99
C ASN A 289 -0.61 22.80 -2.01
N GLY A 290 -0.31 22.12 -0.91
CA GLY A 290 -0.57 20.69 -0.81
C GLY A 290 0.05 19.91 -1.94
N VAL A 291 -0.76 19.03 -2.56
CA VAL A 291 -0.23 18.10 -3.53
C VAL A 291 0.24 18.83 -4.79
N ASN A 292 -0.24 20.05 -5.05
CA ASN A 292 0.11 20.68 -6.31
C ASN A 292 1.57 21.11 -6.37
N ASP A 293 2.24 21.29 -5.22
CA ASP A 293 3.68 21.52 -5.28
C ASP A 293 4.41 20.33 -5.88
N ILE A 294 3.88 19.12 -5.69
CA ILE A 294 4.46 17.93 -6.29
C ILE A 294 4.03 17.80 -7.75
N LYS A 295 2.73 17.92 -8.03
CA LYS A 295 2.25 17.75 -9.39
C LYS A 295 2.86 18.76 -10.36
N ASN A 296 3.16 19.98 -9.88
CA ASN A 296 3.69 21.05 -10.73
C ASN A 296 5.20 21.09 -10.76
N HIS A 297 5.86 20.20 -10.04
CA HIS A 297 7.32 20.18 -10.03
C HIS A 297 7.85 19.80 -11.41
N LYS A 298 9.01 20.36 -11.77
CA LYS A 298 9.58 20.11 -13.09
C LYS A 298 9.80 18.62 -13.36
N TRP A 299 10.06 17.81 -12.33
CA TRP A 299 10.27 16.39 -12.60
C TRP A 299 9.04 15.73 -13.19
N PHE A 300 7.86 16.29 -12.93
CA PHE A 300 6.60 15.75 -13.45
C PHE A 300 6.09 16.50 -14.67
N ALA A 301 6.94 17.31 -15.32
CA ALA A 301 6.46 18.16 -16.41
C ALA A 301 5.88 17.34 -17.56
N THR A 302 6.40 16.14 -17.81
CA THR A 302 5.90 15.30 -18.89
C THR A 302 4.66 14.51 -18.51
N THR A 303 4.20 14.61 -17.27
CA THR A 303 3.14 13.73 -16.78
C THR A 303 1.77 14.31 -17.12
N ASP A 304 0.98 13.52 -17.84
CA ASP A 304 -0.41 13.84 -18.13
C ASP A 304 -1.24 13.20 -17.02
N TRP A 305 -1.53 13.99 -15.98
CA TRP A 305 -2.18 13.49 -14.78
C TRP A 305 -3.53 12.86 -15.09
N ILE A 306 -4.33 13.49 -15.96
CA ILE A 306 -5.63 12.94 -16.31
C ILE A 306 -5.48 11.63 -17.05
N ALA A 307 -4.53 11.57 -17.99
CA ALA A 307 -4.33 10.34 -18.77
C ALA A 307 -3.89 9.19 -17.87
N ILE A 308 -3.05 9.48 -16.88
CA ILE A 308 -2.67 8.46 -15.90
C ILE A 308 -3.90 7.97 -15.15
N TYR A 309 -4.70 8.90 -14.62
CA TYR A 309 -5.91 8.51 -13.90
C TYR A 309 -6.82 7.64 -14.76
N GLN A 310 -6.98 8.01 -16.03
CA GLN A 310 -7.86 7.28 -16.95
C GLN A 310 -7.21 6.02 -17.50
N ARG A 311 -5.96 5.72 -17.13
N ARG A 311 -5.96 5.74 -17.12
CA ARG A 311 -5.26 4.51 -17.58
CA ARG A 311 -5.23 4.55 -17.56
C ARG A 311 -5.09 4.49 -19.09
C ARG A 311 -5.12 4.50 -19.08
N LYS A 312 -4.83 5.66 -19.68
CA LYS A 312 -4.66 5.77 -21.13
C LYS A 312 -3.20 5.82 -21.55
N VAL A 313 -2.27 5.88 -20.60
CA VAL A 313 -0.84 5.89 -20.89
C VAL A 313 -0.34 4.45 -21.01
N GLU A 314 0.43 4.17 -22.05
CA GLU A 314 1.04 2.85 -22.17
C GLU A 314 2.09 2.67 -21.08
N ALA A 315 2.00 1.56 -20.36
CA ALA A 315 2.87 1.31 -19.23
C ALA A 315 4.30 0.98 -19.67
N PRO A 316 5.28 1.20 -18.78
CA PRO A 316 6.67 0.85 -19.10
C PRO A 316 6.87 -0.63 -19.40
N PHE A 317 6.16 -1.52 -18.72
CA PHE A 317 6.19 -2.93 -19.09
C PHE A 317 4.96 -3.61 -18.53
N ILE A 318 4.59 -4.70 -19.18
CA ILE A 318 3.53 -5.60 -18.74
C ILE A 318 4.19 -6.81 -18.11
N PRO A 319 3.82 -7.20 -16.89
CA PRO A 319 4.37 -8.41 -16.30
C PRO A 319 4.06 -9.61 -17.18
N LYS A 320 4.97 -10.58 -17.17
CA LYS A 320 4.77 -11.84 -17.86
C LYS A 320 3.99 -12.78 -16.95
N PHE A 321 2.81 -13.21 -17.41
CA PHE A 321 2.02 -14.20 -16.69
C PHE A 321 1.07 -14.82 -17.71
N LYS A 322 0.59 -16.03 -17.38
CA LYS A 322 -0.15 -16.82 -18.37
C LYS A 322 -1.65 -16.63 -18.28
N GLY A 323 -2.16 -16.10 -17.18
CA GLY A 323 -3.58 -15.95 -16.99
C GLY A 323 -3.90 -15.62 -15.55
N PRO A 324 -5.19 -15.49 -15.23
CA PRO A 324 -5.58 -14.99 -13.91
C PRO A 324 -5.23 -15.93 -12.75
N GLY A 325 -4.89 -17.18 -13.03
CA GLY A 325 -4.48 -18.11 -11.99
C GLY A 325 -2.99 -18.31 -11.88
N ASP A 326 -2.21 -17.59 -12.67
CA ASP A 326 -0.76 -17.77 -12.69
C ASP A 326 -0.15 -17.17 -11.44
N THR A 327 0.65 -17.97 -10.72
CA THR A 327 1.35 -17.52 -9.52
C THR A 327 2.85 -17.36 -9.71
N SER A 328 3.33 -17.38 -10.95
N SER A 328 3.32 -17.38 -10.96
CA SER A 328 4.77 -17.41 -11.20
CA SER A 328 4.77 -17.40 -11.23
C SER A 328 5.48 -16.14 -10.75
C SER A 328 5.48 -16.15 -10.74
N ASN A 329 4.77 -15.03 -10.57
CA ASN A 329 5.40 -13.79 -10.14
C ASN A 329 5.42 -13.64 -8.63
N PHE A 330 4.94 -14.63 -7.90
CA PHE A 330 5.01 -14.72 -6.45
C PHE A 330 5.89 -15.90 -6.08
N ASP A 331 6.32 -15.94 -4.83
CA ASP A 331 7.33 -16.90 -4.44
C ASP A 331 6.73 -18.01 -3.58
N ASP A 332 7.58 -18.92 -3.13
CA ASP A 332 7.13 -20.20 -2.58
C ASP A 332 7.23 -20.21 -1.06
N TYR A 333 6.14 -20.61 -0.41
CA TYR A 333 6.05 -20.70 1.03
C TYR A 333 5.51 -22.07 1.42
N GLU A 334 5.94 -22.53 2.60
CA GLU A 334 5.33 -23.72 3.20
C GLU A 334 3.82 -23.55 3.30
N GLU A 335 3.08 -24.58 2.88
CA GLU A 335 1.62 -24.53 2.88
C GLU A 335 1.10 -25.02 4.22
N GLU A 336 0.47 -24.12 4.98
CA GLU A 336 -0.07 -24.42 6.30
C GLU A 336 -1.60 -24.46 6.25
N GLU A 337 -2.18 -25.19 7.21
CA GLU A 337 -3.63 -25.34 7.30
C GLU A 337 -4.31 -24.00 7.57
N ILE A 338 -5.55 -23.88 7.10
CA ILE A 338 -6.47 -22.84 7.56
C ILE A 338 -7.37 -23.53 8.58
N ARG A 339 -6.92 -23.55 9.83
CA ARG A 339 -7.62 -24.26 10.89
C ARG A 339 -8.66 -23.34 11.52
N VAL A 340 -9.86 -23.86 11.70
CA VAL A 340 -10.93 -23.09 12.33
C VAL A 340 -11.35 -23.81 13.61
N SEP A 341 -11.14 -23.16 14.74
CA SEP A 341 -11.43 -23.76 16.04
CB SEP A 341 -11.00 -22.82 17.17
OG SEP A 341 -11.50 -23.27 18.42
C SEP A 341 -12.91 -24.12 16.18
O SEP A 341 -13.76 -23.55 15.50
P SEP A 341 -10.59 -24.40 19.11
O1P SEP A 341 -11.04 -25.86 18.57
O2P SEP A 341 -9.05 -24.14 18.74
O3P SEP A 341 -10.82 -24.29 20.70
N ILE A 342 -13.18 -25.08 17.04
CA ILE A 342 -14.55 -25.48 17.34
C ILE A 342 -15.19 -24.41 18.23
N ASN A 343 -14.36 -23.61 18.89
CA ASN A 343 -14.82 -22.56 19.80
C ASN A 343 -14.48 -21.19 19.25
N GLU A 344 -15.37 -20.23 19.46
CA GLU A 344 -15.14 -18.87 18.97
C GLU A 344 -14.06 -18.19 19.82
N LYS A 345 -13.10 -17.58 19.14
CA LYS A 345 -12.01 -16.86 19.78
C LYS A 345 -12.18 -15.36 19.56
N CYS A 346 -12.02 -14.58 20.62
CA CYS A 346 -11.91 -13.13 20.54
C CYS A 346 -13.12 -12.50 19.87
N GLY A 347 -14.32 -13.06 20.08
CA GLY A 347 -15.50 -12.52 19.44
C GLY A 347 -15.74 -11.06 19.76
N LYS A 348 -15.60 -10.69 21.03
CA LYS A 348 -15.85 -9.31 21.46
C LYS A 348 -14.94 -8.34 20.73
N GLU A 349 -13.65 -8.67 20.64
CA GLU A 349 -12.68 -7.74 20.07
C GLU A 349 -12.99 -7.41 18.61
N PHE A 350 -13.61 -8.34 17.87
CA PHE A 350 -13.80 -8.18 16.44
C PHE A 350 -15.27 -8.12 16.04
N THR A 351 -16.12 -7.69 16.97
CA THR A 351 -17.56 -7.61 16.69
C THR A 351 -17.86 -6.79 15.44
N GLU A 352 -17.16 -5.68 15.23
CA GLU A 352 -17.51 -4.82 14.11
C GLU A 352 -16.98 -5.33 12.78
N PHE A 353 -16.08 -6.32 12.78
CA PHE A 353 -15.51 -6.81 11.53
C PHE A 353 -16.58 -7.51 10.69
C1 MRD B . -7.52 12.97 -12.02
C2 MRD B . -8.19 13.65 -10.83
O2 MRD B . -7.54 14.92 -10.65
CM MRD B . -9.65 13.93 -11.13
C3 MRD B . -8.06 12.72 -9.59
C4 MRD B . -7.33 13.35 -8.40
O4 MRD B . -6.95 12.34 -7.45
C5 MRD B . -8.18 14.38 -7.72
S DMS C . -12.79 1.75 13.51
O DMS C . -14.23 1.48 13.20
C1 DMS C . -11.81 1.25 12.08
C2 DMS C . -12.48 3.53 13.48
S DMS D . -22.76 -14.81 3.21
O DMS D . -22.34 -15.20 4.59
C1 DMS D . -22.93 -16.32 2.20
C2 DMS D . -24.51 -14.31 3.28
NZ NTN E . -0.64 -9.38 -0.98
CI1 NTN E . -1.81 -9.08 -1.34
CI2 NTN E . -2.27 -9.36 -2.71
NI1 NTN E . -2.69 -8.53 -0.49
CI3 NTN E . -3.42 -8.76 -3.22
CI4 NTN E . -3.79 -9.03 -4.52
NI2 NTN E . -3.11 -9.85 -5.34
CI5 NTN E . -2.01 -10.42 -4.83
CI6 NTN E . -1.55 -10.21 -3.54
NZ NTN F . 1.52 15.17 -23.44
CI1 NTN F . 2.12 15.20 -22.25
CI2 NTN F . 1.55 16.08 -21.22
NI1 NTN F . 3.15 14.47 -22.01
CI3 NTN F . 2.37 16.64 -20.24
CI4 NTN F . 1.78 17.41 -19.25
NI2 NTN F . 0.46 17.65 -19.18
CI5 NTN F . -0.30 17.12 -20.15
CI6 NTN F . 0.20 16.34 -21.17
#